data_1DB6
#
_entry.id   1DB6
#
_cell.length_a   1.000
_cell.length_b   1.000
_cell.length_c   1.000
_cell.angle_alpha   90.00
_cell.angle_beta   90.00
_cell.angle_gamma   90.00
#
_symmetry.space_group_name_H-M   'P 1'
#
loop_
_entity.id
_entity.type
_entity.pdbx_description
1 polymer DNA
2 non-polymer ARGININEAMIDE
#
_entity_poly.entity_id   1
_entity_poly.type   'polydeoxyribonucleotide'
_entity_poly.pdbx_seq_one_letter_code
;(DC)(DG)(DA)(DC)(DC)(DA)(DA)(DC)(DG)(DT)(DG)(DT)(DC)(DG)(DC)(DC)(DT)(DG)(DG)(DT)
(DC)(DG)
;
_entity_poly.pdbx_strand_id   A
#